data_3NUY
#
_entry.id   3NUY
#
_cell.length_a   123.695
_cell.length_b   123.695
_cell.length_c   47.346
_cell.angle_alpha   90.000
_cell.angle_beta   90.000
_cell.angle_gamma   120.000
#
_symmetry.space_group_name_H-M   'P 32 2 1'
#
loop_
_entity.id
_entity.type
_entity.pdbx_description
1 polymer PkB-like
2 non-polymer GLYCEROL
3 non-polymer 'SULFATE ION'
4 non-polymer quinazolin-4(1H)-one
5 water water
#
_entity_poly.entity_id   1
_entity_poly.type   'polypeptide(L)'
_entity_poly.pdbx_seq_one_letter_code
;QPRKKRPEDFKFGKILGEGSFSTVVLARELATSREYAIKILEKRHIIKENKVPYVTRERDVMSRLDHPFFVKLYFTFQDD
EKLYFGLSYAKNGELLKYIRKIGSFDETCTRFYTAEIVSALEYLHGKGIIHRDLKPENILLNEDMHIQITDFGTAKVLSP
ESKQARAN(SEP)FVGTAQYVSPELLTEKSACKSSDLWALGCIIYQLVAGLPPFRAGNEYLIFQKIIKLEYDFPEKFFPK
ARDLVEKLLVLDATKRLGCEEMEGYGPLKAHPFFESVTWENLHQQTPPKL
;
_entity_poly.pdbx_strand_id   A
#
# COMPACT_ATOMS: atom_id res chain seq x y z
N GLN A 1 9.90 21.15 20.57
CA GLN A 1 8.80 20.93 19.63
C GLN A 1 7.66 21.94 19.83
N PRO A 2 6.90 22.19 18.77
CA PRO A 2 5.75 23.12 18.89
C PRO A 2 4.73 22.58 19.90
N ARG A 3 3.99 23.46 20.58
CA ARG A 3 2.92 22.99 21.49
C ARG A 3 1.96 22.11 20.69
N LYS A 4 1.23 21.23 21.36
CA LYS A 4 0.32 20.31 20.69
C LYS A 4 -0.67 21.10 19.80
N LYS A 5 -1.01 20.59 18.63
CA LYS A 5 -2.08 21.24 17.88
C LYS A 5 -3.44 20.81 18.43
N ARG A 6 -4.50 21.55 18.07
CA ARG A 6 -5.84 21.19 18.51
C ARG A 6 -6.84 21.37 17.36
N PRO A 7 -8.09 20.88 17.54
CA PRO A 7 -9.09 20.98 16.46
C PRO A 7 -9.35 22.42 15.97
N GLU A 8 -9.28 23.38 16.90
CA GLU A 8 -9.56 24.77 16.56
C GLU A 8 -8.46 25.39 15.68
N ASP A 9 -7.32 24.73 15.56
CA ASP A 9 -6.24 25.21 14.69
C ASP A 9 -6.54 24.98 13.23
N PHE A 10 -7.61 24.23 12.95
CA PHE A 10 -7.91 23.83 11.57
C PHE A 10 -9.31 24.18 11.15
N LYS A 11 -9.48 24.32 9.85
CA LYS A 11 -10.76 24.38 9.24
C LYS A 11 -10.97 23.06 8.51
N PHE A 12 -11.90 22.26 8.99
CA PHE A 12 -12.13 20.94 8.40
C PHE A 12 -12.99 21.05 7.17
N GLY A 13 -12.74 20.20 6.20
CA GLY A 13 -13.43 20.26 4.91
C GLY A 13 -14.03 18.87 4.63
N LYS A 14 -13.86 18.42 3.41
CA LYS A 14 -14.55 17.22 2.94
C LYS A 14 -13.93 15.96 3.51
N ILE A 15 -14.77 14.93 3.61
CA ILE A 15 -14.31 13.60 3.99
C ILE A 15 -13.54 12.95 2.85
N LEU A 16 -12.35 12.44 3.15
CA LEU A 16 -11.52 11.82 2.12
C LEU A 16 -11.65 10.29 2.10
N GLY A 17 -12.05 9.71 3.21
CA GLY A 17 -12.17 8.26 3.30
C GLY A 17 -12.84 7.90 4.62
N GLU A 18 -13.53 6.75 4.64
CA GLU A 18 -14.23 6.31 5.84
C GLU A 18 -13.92 4.84 6.07
N GLY A 19 -13.56 4.48 7.29
CA GLY A 19 -13.41 3.08 7.63
C GLY A 19 -14.32 2.75 8.78
N SER A 20 -14.21 1.52 9.28
CA SER A 20 -15.03 1.11 10.40
C SER A 20 -14.60 1.82 11.67
N PHE A 21 -13.32 2.10 11.81
CA PHE A 21 -12.81 2.70 13.04
C PHE A 21 -12.23 4.09 12.91
N SER A 22 -12.28 4.65 11.69
CA SER A 22 -11.71 5.97 11.47
C SER A 22 -12.35 6.68 10.30
N THR A 23 -12.18 8.01 10.27
CA THR A 23 -12.58 8.83 9.15
C THR A 23 -11.44 9.78 8.86
N VAL A 24 -11.09 9.93 7.59
CA VAL A 24 -10.08 10.88 7.19
C VAL A 24 -10.73 12.10 6.55
N VAL A 25 -10.37 13.28 7.04
CA VAL A 25 -11.00 14.52 6.60
C VAL A 25 -9.91 15.47 6.12
N LEU A 26 -10.15 16.16 5.02
CA LEU A 26 -9.21 17.15 4.56
C LEU A 26 -9.33 18.39 5.50
N ALA A 27 -8.20 18.94 5.97
CA ALA A 27 -8.19 20.06 6.90
C ALA A 27 -7.14 21.08 6.50
N ARG A 28 -7.46 22.36 6.68
CA ARG A 28 -6.49 23.38 6.39
C ARG A 28 -6.11 24.01 7.70
N GLU A 29 -4.82 23.96 8.00
CA GLU A 29 -4.29 24.58 9.20
C GLU A 29 -4.36 26.11 9.01
N LEU A 30 -4.96 26.81 9.97
CA LEU A 30 -5.24 28.25 9.80
C LEU A 30 -3.97 29.10 9.81
N ALA A 31 -3.08 28.85 10.76
CA ALA A 31 -1.80 29.56 10.83
C ALA A 31 -0.83 29.43 9.63
N THR A 32 -1.03 28.46 8.75
CA THR A 32 -0.06 28.17 7.71
C THR A 32 -0.68 28.06 6.33
N SER A 33 -1.97 27.79 6.31
CA SER A 33 -2.72 27.48 5.10
C SER A 33 -2.32 26.12 4.47
N ARG A 34 -1.59 25.32 5.23
CA ARG A 34 -1.25 23.96 4.80
C ARG A 34 -2.45 23.04 4.89
N GLU A 35 -2.58 22.16 3.92
CA GLU A 35 -3.60 21.11 3.95
C GLU A 35 -3.02 19.78 4.42
N TYR A 36 -3.72 19.14 5.37
CA TYR A 36 -3.39 17.81 5.84
C TYR A 36 -4.59 16.90 5.71
N ALA A 37 -4.32 15.61 5.61
CA ALA A 37 -5.39 14.61 5.66
C ALA A 37 -5.40 14.15 7.12
N ILE A 38 -6.45 14.51 7.86
CA ILE A 38 -6.47 14.20 9.30
C ILE A 38 -7.34 12.99 9.53
N LYS A 39 -6.71 11.95 10.03
CA LYS A 39 -7.39 10.72 10.37
C LYS A 39 -7.95 10.87 11.78
N ILE A 40 -9.26 10.63 11.91
CA ILE A 40 -9.96 10.86 13.17
C ILE A 40 -10.55 9.54 13.66
N LEU A 41 -10.25 9.19 14.89
CA LEU A 41 -10.65 7.90 15.45
C LEU A 41 -11.33 8.10 16.78
N GLU A 42 -12.49 7.45 16.97
CA GLU A 42 -13.23 7.60 18.23
C GLU A 42 -12.70 6.64 19.30
N LYS A 43 -12.21 7.19 20.43
CA LYS A 43 -11.57 6.35 21.45
C LYS A 43 -12.54 5.28 21.98
N ARG A 44 -13.80 5.65 22.20
CA ARG A 44 -14.79 4.70 22.73
C ARG A 44 -14.91 3.46 21.85
N HIS A 45 -15.09 3.68 20.56
CA HIS A 45 -15.28 2.59 19.62
C HIS A 45 -14.04 1.69 19.51
N ILE A 46 -12.86 2.29 19.49
CA ILE A 46 -11.62 1.50 19.48
C ILE A 46 -11.50 0.58 20.73
N ILE A 47 -11.79 1.12 21.89
CA ILE A 47 -11.65 0.36 23.12
C ILE A 47 -12.69 -0.78 23.12
N LYS A 48 -13.94 -0.41 22.83
CA LYS A 48 -15.04 -1.38 22.74
C LYS A 48 -14.68 -2.58 21.88
N GLU A 49 -14.10 -2.34 20.70
CA GLU A 49 -13.83 -3.43 19.77
C GLU A 49 -12.42 -4.02 19.88
N ASN A 50 -11.72 -3.69 20.96
CA ASN A 50 -10.34 -4.15 21.19
C ASN A 50 -9.33 -3.78 20.09
N LYS A 51 -9.33 -2.53 19.66
CA LYS A 51 -8.46 -2.13 18.58
C LYS A 51 -7.26 -1.33 19.06
N VAL A 52 -7.13 -1.16 20.37
CA VAL A 52 -6.02 -0.35 20.89
C VAL A 52 -4.65 -0.77 20.32
N PRO A 53 -4.38 -2.08 20.26
CA PRO A 53 -3.09 -2.55 19.73
C PRO A 53 -2.91 -2.12 18.28
N TYR A 54 -3.97 -2.15 17.49
CA TYR A 54 -3.86 -1.78 16.10
C TYR A 54 -3.65 -0.28 15.94
N VAL A 55 -4.41 0.50 16.69
CA VAL A 55 -4.26 1.96 16.58
C VAL A 55 -2.87 2.41 17.05
N THR A 56 -2.42 1.81 18.13
CA THR A 56 -1.08 2.02 18.69
C THR A 56 0.01 1.61 17.68
N ARG A 57 -0.20 0.48 17.02
CA ARG A 57 0.82 0.00 16.11
C ARG A 57 0.86 0.87 14.86
N GLU A 58 -0.30 1.33 14.39
CA GLU A 58 -0.36 2.20 13.21
C GLU A 58 0.41 3.50 13.45
N ARG A 59 0.19 4.11 14.60
CA ARG A 59 0.87 5.33 14.95
C ARG A 59 2.36 5.07 15.05
N ASP A 60 2.72 4.00 15.76
CA ASP A 60 4.12 3.69 15.96
C ASP A 60 4.86 3.35 14.61
N VAL A 61 4.22 2.60 13.73
CA VAL A 61 4.82 2.34 12.42
C VAL A 61 4.97 3.62 11.62
N MET A 62 3.93 4.44 11.57
CA MET A 62 4.02 5.71 10.83
C MET A 62 5.13 6.62 11.34
N SER A 63 5.33 6.64 12.65
CA SER A 63 6.40 7.48 13.21
C SER A 63 7.77 7.11 12.66
N ARG A 64 7.91 5.85 12.24
CA ARG A 64 9.21 5.33 11.82
C ARG A 64 9.46 5.56 10.35
N LEU A 65 8.44 5.97 9.61
CA LEU A 65 8.58 6.07 8.16
C LEU A 65 9.10 7.44 7.77
N ASP A 66 10.11 7.46 6.92
CA ASP A 66 10.66 8.73 6.47
C ASP A 66 11.16 8.57 5.07
N HIS A 67 10.23 8.52 4.13
CA HIS A 67 10.56 8.14 2.78
C HIS A 67 9.47 8.73 1.88
N PRO A 68 9.86 9.30 0.73
CA PRO A 68 8.88 9.98 -0.12
C PRO A 68 7.72 9.09 -0.62
N PHE A 69 7.89 7.77 -0.72
CA PHE A 69 6.81 6.92 -1.23
C PHE A 69 5.86 6.44 -0.13
N PHE A 70 5.98 6.98 1.08
CA PHE A 70 5.06 6.63 2.16
C PHE A 70 4.37 7.84 2.76
N VAL A 71 3.12 7.65 3.20
CA VAL A 71 2.43 8.60 4.09
C VAL A 71 3.36 9.06 5.18
N LYS A 72 3.27 10.34 5.47
CA LYS A 72 4.02 10.94 6.55
C LYS A 72 3.07 11.33 7.68
N LEU A 73 3.45 11.00 8.91
CA LEU A 73 2.73 11.46 10.08
C LEU A 73 3.37 12.75 10.66
N TYR A 74 2.67 13.87 10.49
CA TYR A 74 3.17 15.16 10.96
C TYR A 74 2.93 15.46 12.45
N PHE A 75 1.79 15.05 12.97
CA PHE A 75 1.38 15.42 14.34
C PHE A 75 0.25 14.51 14.78
N THR A 76 0.02 14.48 16.08
CA THR A 76 -1.13 13.81 16.64
C THR A 76 -1.63 14.71 17.77
N PHE A 77 -2.90 14.61 18.08
CA PHE A 77 -3.45 15.21 19.28
C PHE A 77 -4.73 14.45 19.57
N GLN A 78 -5.39 14.78 20.68
CA GLN A 78 -6.66 14.15 20.97
C GLN A 78 -7.54 15.13 21.74
N ASP A 79 -8.84 14.93 21.69
CA ASP A 79 -9.71 15.63 22.63
C ASP A 79 -10.41 14.54 23.47
N ASP A 80 -11.51 14.86 24.13
CA ASP A 80 -12.15 13.87 25.03
C ASP A 80 -12.61 12.59 24.34
N GLU A 81 -13.07 12.71 23.11
CA GLU A 81 -13.66 11.57 22.44
C GLU A 81 -12.76 10.98 21.36
N LYS A 82 -11.89 11.80 20.76
CA LYS A 82 -11.26 11.42 19.48
C LYS A 82 -9.74 11.58 19.46
N LEU A 83 -9.07 10.69 18.74
CA LEU A 83 -7.65 10.83 18.37
C LEU A 83 -7.58 11.46 16.97
N TYR A 84 -6.56 12.27 16.72
CA TYR A 84 -6.37 12.96 15.43
C TYR A 84 -4.93 12.69 14.98
N PHE A 85 -4.75 12.15 13.77
CA PHE A 85 -3.42 11.92 13.20
C PHE A 85 -3.30 12.82 11.98
N GLY A 86 -2.29 13.69 11.95
CA GLY A 86 -2.15 14.59 10.81
C GLY A 86 -1.26 13.91 9.77
N LEU A 87 -1.83 13.56 8.62
CA LEU A 87 -1.08 12.89 7.58
C LEU A 87 -0.86 13.75 6.34
N SER A 88 0.13 13.37 5.52
CA SER A 88 0.32 14.02 4.22
C SER A 88 -0.95 13.81 3.39
N TYR A 89 -1.37 14.85 2.70
CA TYR A 89 -2.55 14.75 1.85
C TYR A 89 -2.10 14.38 0.43
N ALA A 90 -2.64 13.30 -0.11
CA ALA A 90 -2.29 12.84 -1.45
C ALA A 90 -3.36 13.35 -2.39
N LYS A 91 -3.07 14.41 -3.10
CA LYS A 91 -4.10 15.16 -3.78
C LYS A 91 -4.75 14.38 -4.92
N ASN A 92 -4.02 13.44 -5.54
CA ASN A 92 -4.59 12.74 -6.69
C ASN A 92 -5.35 11.44 -6.39
N GLY A 93 -5.51 11.10 -5.12
CA GLY A 93 -6.32 9.94 -4.79
C GLY A 93 -5.67 8.58 -5.00
N GLU A 94 -6.48 7.55 -5.21
CA GLU A 94 -6.04 6.15 -5.26
C GLU A 94 -5.55 5.70 -6.63
N LEU A 95 -4.50 4.90 -6.64
CA LEU A 95 -4.06 4.25 -7.87
C LEU A 95 -5.24 3.53 -8.58
N LEU A 96 -6.12 2.94 -7.78
CA LEU A 96 -7.28 2.21 -8.31
C LEU A 96 -8.13 3.14 -9.18
N LYS A 97 -8.20 4.42 -8.80
CA LYS A 97 -8.97 5.36 -9.60
C LYS A 97 -8.40 5.45 -11.02
N TYR A 98 -7.08 5.51 -11.15
CA TYR A 98 -6.48 5.59 -12.47
C TYR A 98 -6.58 4.30 -13.25
N ILE A 99 -6.50 3.16 -12.56
CA ILE A 99 -6.67 1.90 -13.24
C ILE A 99 -8.04 1.87 -13.94
N ARG A 100 -9.08 2.24 -13.20
CA ARG A 100 -10.44 2.29 -13.71
C ARG A 100 -10.66 3.30 -14.81
N LYS A 101 -10.07 4.48 -14.64
CA LYS A 101 -10.21 5.60 -15.55
C LYS A 101 -9.65 5.23 -16.91
N ILE A 102 -8.45 4.64 -16.91
CA ILE A 102 -7.81 4.37 -18.20
C ILE A 102 -7.82 2.91 -18.64
N GLY A 103 -8.37 2.04 -17.80
CA GLY A 103 -8.51 0.65 -18.16
C GLY A 103 -7.35 -0.27 -17.80
N SER A 104 -6.19 0.02 -18.35
CA SER A 104 -4.98 -0.71 -18.03
C SER A 104 -3.81 0.15 -18.49
N PHE A 105 -2.64 -0.08 -17.89
CA PHE A 105 -1.49 0.78 -18.12
C PHE A 105 -0.68 0.25 -19.26
N ASP A 106 -0.10 1.12 -20.06
CA ASP A 106 0.87 0.68 -21.06
C ASP A 106 2.15 0.25 -20.34
N GLU A 107 3.11 -0.27 -21.09
CA GLU A 107 4.30 -0.86 -20.50
C GLU A 107 5.17 0.16 -19.77
N THR A 108 5.29 1.38 -20.29
CA THR A 108 6.09 2.42 -19.63
C THR A 108 5.53 2.83 -18.27
N CYS A 109 4.22 3.04 -18.18
CA CYS A 109 3.56 3.38 -16.91
C CYS A 109 3.58 2.20 -15.94
N THR A 110 3.31 0.99 -16.42
CA THR A 110 3.42 -0.19 -15.56
C THR A 110 4.82 -0.27 -14.94
N ARG A 111 5.86 -0.21 -15.78
CA ARG A 111 7.24 -0.26 -15.33
C ARG A 111 7.55 0.80 -14.27
N PHE A 112 7.17 2.03 -14.54
CA PHE A 112 7.52 3.13 -13.63
C PHE A 112 6.80 2.97 -12.26
N TYR A 113 5.50 2.72 -12.28
CA TYR A 113 4.79 2.62 -11.02
C TYR A 113 5.15 1.34 -10.26
N THR A 114 5.44 0.27 -10.99
CA THR A 114 5.87 -0.96 -10.35
C THR A 114 7.23 -0.72 -9.68
N ALA A 115 8.13 -0.03 -10.39
CA ALA A 115 9.42 0.30 -9.80
C ALA A 115 9.28 1.16 -8.49
N GLU A 116 8.41 2.16 -8.48
CA GLU A 116 8.17 2.91 -7.23
C GLU A 116 7.69 2.00 -6.10
N ILE A 117 6.76 1.11 -6.42
CA ILE A 117 6.24 0.23 -5.38
C ILE A 117 7.33 -0.73 -4.84
N VAL A 118 8.12 -1.28 -5.75
CA VAL A 118 9.22 -2.18 -5.36
C VAL A 118 10.24 -1.41 -4.49
N SER A 119 10.57 -0.20 -4.91
CA SER A 119 11.51 0.62 -4.14
C SER A 119 10.95 0.96 -2.74
N ALA A 120 9.64 1.19 -2.64
CA ALA A 120 9.02 1.47 -1.34
C ALA A 120 9.04 0.23 -0.45
N LEU A 121 8.69 -0.91 -1.02
CA LEU A 121 8.74 -2.17 -0.29
C LEU A 121 10.17 -2.47 0.18
N GLU A 122 11.17 -2.18 -0.66
CA GLU A 122 12.55 -2.40 -0.20
C GLU A 122 12.85 -1.57 1.07
N TYR A 123 12.38 -0.33 1.08
CA TYR A 123 12.60 0.50 2.27
C TYR A 123 11.83 -0.04 3.46
N LEU A 124 10.56 -0.39 3.22
CA LEU A 124 9.69 -0.86 4.31
C LEU A 124 10.24 -2.15 4.90
N HIS A 125 10.54 -3.11 4.02
CA HIS A 125 11.07 -4.39 4.48
C HIS A 125 12.45 -4.33 5.14
N GLY A 126 13.25 -3.37 4.71
CA GLY A 126 14.56 -3.14 5.32
C GLY A 126 14.40 -2.69 6.77
N LYS A 127 13.23 -2.16 7.10
CA LYS A 127 12.95 -1.77 8.49
C LYS A 127 12.29 -2.90 9.28
N GLY A 128 12.20 -4.09 8.69
CA GLY A 128 11.52 -5.18 9.35
C GLY A 128 10.02 -4.94 9.51
N ILE A 129 9.43 -4.17 8.60
CA ILE A 129 7.99 -3.92 8.70
C ILE A 129 7.29 -4.58 7.52
N ILE A 130 6.14 -5.20 7.81
CA ILE A 130 5.31 -5.83 6.79
C ILE A 130 4.00 -5.08 6.68
N HIS A 131 3.53 -4.80 5.46
CA HIS A 131 2.33 -3.99 5.30
C HIS A 131 1.08 -4.86 5.58
N ARG A 132 0.98 -5.99 4.88
CA ARG A 132 -0.10 -6.99 5.06
C ARG A 132 -1.44 -6.65 4.41
N ASP A 133 -1.59 -5.44 3.88
CA ASP A 133 -2.82 -5.14 3.14
C ASP A 133 -2.55 -4.26 1.93
N LEU A 134 -1.55 -4.62 1.17
CA LEU A 134 -1.15 -3.75 0.07
C LEU A 134 -2.11 -3.98 -1.11
N LYS A 135 -2.55 -2.91 -1.75
CA LYS A 135 -3.50 -2.98 -2.85
C LYS A 135 -3.64 -1.60 -3.46
N PRO A 136 -4.22 -1.53 -4.68
CA PRO A 136 -4.31 -0.22 -5.34
C PRO A 136 -5.14 0.80 -4.57
N GLU A 137 -6.03 0.35 -3.69
CA GLU A 137 -6.83 1.29 -2.89
C GLU A 137 -5.97 2.04 -1.86
N ASN A 138 -4.87 1.46 -1.42
CA ASN A 138 -4.06 2.23 -0.48
C ASN A 138 -2.68 2.67 -0.98
N ILE A 139 -2.54 2.64 -2.29
CA ILE A 139 -1.42 3.24 -2.95
C ILE A 139 -1.94 4.54 -3.54
N LEU A 140 -1.72 5.62 -2.82
CA LEU A 140 -2.24 6.92 -3.26
C LEU A 140 -1.25 7.64 -4.20
N LEU A 141 -1.73 8.66 -4.89
CA LEU A 141 -0.89 9.45 -5.77
C LEU A 141 -0.88 10.90 -5.28
N ASN A 142 0.33 11.43 -5.13
CA ASN A 142 0.47 12.82 -4.77
C ASN A 142 0.19 13.75 -5.93
N GLU A 143 0.25 15.04 -5.64
CA GLU A 143 0.01 16.07 -6.64
C GLU A 143 0.97 15.93 -7.81
N ASP A 144 2.18 15.47 -7.54
CA ASP A 144 3.20 15.24 -8.58
C ASP A 144 3.10 13.88 -9.28
N MET A 145 2.08 13.12 -8.93
CA MET A 145 1.85 11.79 -9.47
C MET A 145 2.89 10.72 -9.07
N HIS A 146 3.65 10.96 -8.01
CA HIS A 146 4.40 9.89 -7.36
C HIS A 146 3.52 9.20 -6.32
N ILE A 147 3.83 7.95 -5.99
CA ILE A 147 3.03 7.18 -5.05
C ILE A 147 3.25 7.58 -3.61
N GLN A 148 2.25 7.29 -2.79
CA GLN A 148 2.34 7.47 -1.37
C GLN A 148 1.53 6.33 -0.79
N ILE A 149 2.24 5.35 -0.23
CA ILE A 149 1.59 4.18 0.32
C ILE A 149 1.07 4.51 1.73
N THR A 150 -0.15 4.05 2.02
CA THR A 150 -0.79 4.36 3.28
C THR A 150 -1.48 3.16 3.90
N ASP A 151 -2.16 3.42 5.02
CA ASP A 151 -2.98 2.41 5.73
C ASP A 151 -2.18 1.34 6.45
N PHE A 152 -1.63 1.73 7.62
CA PHE A 152 -0.71 0.91 8.41
C PHE A 152 -1.35 0.33 9.66
N GLY A 153 -2.65 0.49 9.81
CA GLY A 153 -3.37 -0.09 10.94
C GLY A 153 -3.03 -1.56 11.12
N THR A 154 -3.01 -2.28 9.98
CA THR A 154 -2.76 -3.71 10.00
C THR A 154 -1.32 -4.18 9.78
N ALA A 155 -0.35 -3.27 9.77
CA ALA A 155 1.03 -3.66 9.54
C ALA A 155 1.52 -4.55 10.67
N LYS A 156 2.65 -5.20 10.46
CA LYS A 156 3.22 -6.05 11.51
C LYS A 156 4.70 -5.66 11.62
N VAL A 157 5.21 -5.58 12.84
CA VAL A 157 6.63 -5.27 12.98
C VAL A 157 7.34 -6.55 13.38
N LEU A 158 8.30 -6.96 12.57
CA LEU A 158 8.98 -8.23 12.84
C LEU A 158 9.96 -8.06 13.99
N SER A 159 10.02 -9.06 14.85
CA SER A 159 10.92 -9.05 16.00
C SER A 159 12.39 -9.14 15.59
N PHE A 170 -4.32 -11.45 11.58
CA PHE A 170 -5.15 -10.63 10.70
C PHE A 170 -5.14 -11.14 9.25
N VAL A 171 -6.20 -10.87 8.50
CA VAL A 171 -6.22 -11.20 7.06
C VAL A 171 -6.71 -10.03 6.18
N GLY A 172 -5.85 -9.54 5.29
CA GLY A 172 -6.19 -8.42 4.41
C GLY A 172 -7.26 -8.66 3.35
N THR A 173 -7.28 -7.82 2.33
CA THR A 173 -8.31 -7.84 1.31
C THR A 173 -8.24 -9.11 0.45
N ALA A 174 -9.38 -9.75 0.24
CA ALA A 174 -9.41 -11.12 -0.23
C ALA A 174 -8.64 -11.32 -1.53
N GLN A 175 -8.82 -10.42 -2.49
CA GLN A 175 -8.17 -10.58 -3.77
C GLN A 175 -6.65 -10.54 -3.72
N TYR A 176 -6.07 -10.03 -2.62
CA TYR A 176 -4.62 -9.83 -2.50
C TYR A 176 -3.98 -10.74 -1.43
N VAL A 177 -4.78 -11.62 -0.83
CA VAL A 177 -4.32 -12.53 0.23
C VAL A 177 -3.39 -13.61 -0.29
N SER A 178 -2.29 -13.83 0.41
CA SER A 178 -1.30 -14.80 -0.02
C SER A 178 -1.77 -16.16 0.47
N PRO A 179 -1.40 -17.22 -0.26
CA PRO A 179 -1.80 -18.57 0.11
C PRO A 179 -1.38 -18.97 1.53
N GLU A 180 -0.22 -18.51 2.00
CA GLU A 180 0.22 -18.90 3.34
C GLU A 180 -0.70 -18.41 4.45
N LEU A 181 -1.37 -17.26 4.25
CA LEU A 181 -2.36 -16.82 5.21
C LEU A 181 -3.58 -17.73 5.32
N LEU A 182 -3.95 -18.34 4.20
CA LEU A 182 -5.12 -19.20 4.12
C LEU A 182 -4.78 -20.57 4.65
N THR A 183 -3.49 -20.92 4.65
CA THR A 183 -3.11 -22.26 5.05
C THR A 183 -2.35 -22.30 6.36
N GLU A 184 -2.00 -21.13 6.93
CA GLU A 184 -1.23 -21.11 8.18
C GLU A 184 -1.59 -20.03 9.18
N LYS A 185 -2.30 -19.00 8.71
CA LYS A 185 -2.49 -17.81 9.53
C LYS A 185 -1.13 -17.13 9.83
N SER A 186 -0.14 -17.36 8.96
CA SER A 186 1.18 -16.76 9.11
C SER A 186 1.56 -15.80 7.96
N ALA A 187 2.16 -14.67 8.30
CA ALA A 187 2.60 -13.71 7.28
C ALA A 187 4.09 -13.40 7.40
N CYS A 188 4.63 -12.80 6.35
CA CYS A 188 6.05 -12.46 6.33
C CYS A 188 6.21 -11.47 5.18
N LYS A 189 7.45 -11.05 4.92
CA LYS A 189 7.69 -10.07 3.89
C LYS A 189 7.15 -10.60 2.58
N SER A 190 7.34 -11.88 2.37
CA SER A 190 7.03 -12.48 1.08
C SER A 190 5.51 -12.38 0.77
N SER A 191 4.69 -12.19 1.80
CA SER A 191 3.26 -11.89 1.63
C SER A 191 2.98 -10.55 0.95
N ASP A 192 3.81 -9.55 1.23
CA ASP A 192 3.73 -8.29 0.50
C ASP A 192 4.12 -8.49 -0.97
N LEU A 193 5.07 -9.39 -1.22
CA LEU A 193 5.56 -9.63 -2.57
C LEU A 193 4.47 -10.33 -3.38
N TRP A 194 3.69 -11.17 -2.72
CA TRP A 194 2.59 -11.82 -3.41
C TRP A 194 1.61 -10.74 -3.85
N ALA A 195 1.26 -9.84 -2.94
CA ALA A 195 0.39 -8.72 -3.27
C ALA A 195 0.96 -7.89 -4.43
N LEU A 196 2.27 -7.64 -4.40
CA LEU A 196 2.91 -6.96 -5.53
C LEU A 196 2.63 -7.70 -6.85
N GLY A 197 2.73 -9.02 -6.84
CA GLY A 197 2.47 -9.76 -8.05
C GLY A 197 1.03 -9.55 -8.50
N CYS A 198 0.08 -9.53 -7.57
CA CYS A 198 -1.31 -9.25 -7.98
C CYS A 198 -1.50 -7.84 -8.57
N ILE A 199 -0.86 -6.85 -7.95
CA ILE A 199 -0.94 -5.47 -8.40
C ILE A 199 -0.38 -5.27 -9.80
N ILE A 200 0.83 -5.78 -10.06
CA ILE A 200 1.38 -5.71 -11.41
C ILE A 200 0.41 -6.30 -12.43
N TYR A 201 -0.10 -7.50 -12.12
CA TYR A 201 -1.02 -8.17 -13.01
C TYR A 201 -2.20 -7.23 -13.28
N GLN A 202 -2.73 -6.61 -12.23
CA GLN A 202 -3.88 -5.71 -12.35
C GLN A 202 -3.56 -4.44 -13.18
N LEU A 203 -2.37 -3.88 -13.02
CA LEU A 203 -1.94 -2.75 -13.85
C LEU A 203 -1.96 -3.13 -15.33
N VAL A 204 -1.43 -4.31 -15.65
CA VAL A 204 -1.35 -4.73 -17.05
C VAL A 204 -2.68 -5.25 -17.62
N ALA A 205 -3.39 -6.09 -16.87
CA ALA A 205 -4.61 -6.71 -17.36
C ALA A 205 -5.82 -5.82 -17.17
N GLY A 206 -5.79 -4.98 -16.15
CA GLY A 206 -6.92 -4.11 -15.84
C GLY A 206 -7.73 -4.65 -14.68
N LEU A 207 -7.48 -5.90 -14.32
CA LEU A 207 -8.17 -6.56 -13.22
C LEU A 207 -7.21 -7.42 -12.43
N PRO A 208 -7.52 -7.67 -11.16
CA PRO A 208 -6.74 -8.58 -10.31
C PRO A 208 -6.83 -10.01 -10.86
N PRO A 209 -5.84 -10.86 -10.57
CA PRO A 209 -5.76 -12.21 -11.15
C PRO A 209 -6.78 -13.23 -10.58
N PHE A 210 -7.07 -13.17 -9.29
CA PHE A 210 -7.99 -14.11 -8.66
C PHE A 210 -9.33 -13.43 -8.40
N ARG A 211 -10.34 -13.79 -9.19
CA ARG A 211 -11.69 -13.21 -9.08
C ARG A 211 -12.73 -14.32 -9.06
N ALA A 212 -13.87 -14.07 -8.42
CA ALA A 212 -14.92 -15.08 -8.27
C ALA A 212 -16.07 -14.43 -7.55
N GLY A 213 -17.17 -15.17 -7.42
CA GLY A 213 -18.42 -14.65 -6.87
C GLY A 213 -18.41 -14.28 -5.40
N ASN A 214 -17.51 -14.86 -4.64
CA ASN A 214 -17.52 -14.60 -3.21
C ASN A 214 -16.15 -14.92 -2.70
N GLU A 215 -15.89 -14.62 -1.42
CA GLU A 215 -14.56 -14.79 -0.86
C GLU A 215 -14.13 -16.23 -0.84
N TYR A 216 -15.06 -17.12 -0.50
CA TYR A 216 -14.69 -18.53 -0.39
C TYR A 216 -14.10 -19.00 -1.71
N LEU A 217 -14.74 -18.61 -2.80
CA LEU A 217 -14.31 -19.06 -4.10
C LEU A 217 -13.00 -18.39 -4.55
N ILE A 218 -12.76 -17.17 -4.12
CA ILE A 218 -11.51 -16.49 -4.41
C ILE A 218 -10.39 -17.21 -3.69
N PHE A 219 -10.60 -17.49 -2.41
CA PHE A 219 -9.63 -18.23 -1.61
C PHE A 219 -9.27 -19.58 -2.23
N GLN A 220 -10.27 -20.28 -2.74
CA GLN A 220 -10.03 -21.54 -3.43
C GLN A 220 -9.09 -21.32 -4.61
N LYS A 221 -9.36 -20.32 -5.43
CA LYS A 221 -8.51 -20.07 -6.58
C LYS A 221 -7.07 -19.72 -6.18
N ILE A 222 -6.93 -18.95 -5.10
CA ILE A 222 -5.59 -18.54 -4.67
C ILE A 222 -4.75 -19.75 -4.25
N ILE A 223 -5.32 -20.62 -3.43
CA ILE A 223 -4.54 -21.76 -2.96
C ILE A 223 -4.30 -22.80 -4.05
N LYS A 224 -5.08 -22.75 -5.13
CA LYS A 224 -4.82 -23.61 -6.28
C LYS A 224 -3.96 -22.93 -7.36
N LEU A 225 -3.53 -21.68 -7.12
CA LEU A 225 -2.86 -20.87 -8.14
C LEU A 225 -3.65 -20.87 -9.46
N GLU A 226 -4.96 -20.73 -9.35
CA GLU A 226 -5.82 -20.73 -10.50
C GLU A 226 -6.13 -19.31 -11.03
N TYR A 227 -5.36 -18.90 -12.03
CA TYR A 227 -5.55 -17.64 -12.74
C TYR A 227 -4.85 -17.84 -14.08
N ASP A 228 -5.00 -16.92 -15.01
CA ASP A 228 -4.18 -16.99 -16.19
C ASP A 228 -3.99 -15.62 -16.82
N PHE A 229 -3.10 -15.55 -17.80
CA PHE A 229 -2.70 -14.31 -18.42
C PHE A 229 -3.47 -14.09 -19.72
N PRO A 230 -3.91 -12.86 -19.96
CA PRO A 230 -4.45 -12.43 -21.26
C PRO A 230 -3.36 -12.47 -22.31
N GLU A 231 -3.73 -12.70 -23.57
CA GLU A 231 -2.73 -12.77 -24.64
C GLU A 231 -1.91 -11.48 -24.77
N LYS A 232 -2.53 -10.33 -24.50
CA LYS A 232 -1.85 -9.03 -24.62
C LYS A 232 -1.00 -8.60 -23.39
N PHE A 233 -0.50 -9.57 -22.62
CA PHE A 233 0.26 -9.25 -21.42
C PHE A 233 1.74 -9.09 -21.80
N PHE A 234 2.35 -7.95 -21.49
CA PHE A 234 3.79 -7.76 -21.75
C PHE A 234 4.59 -8.95 -21.24
N PRO A 235 5.37 -9.58 -22.14
CA PRO A 235 6.03 -10.86 -21.84
C PRO A 235 6.96 -10.78 -20.61
N LYS A 236 7.79 -9.75 -20.54
CA LYS A 236 8.67 -9.58 -19.39
C LYS A 236 7.91 -9.36 -18.10
N ALA A 237 6.80 -8.63 -18.17
CA ALA A 237 5.92 -8.47 -17.01
C ALA A 237 5.28 -9.79 -16.62
N ARG A 238 4.91 -10.62 -17.59
CA ARG A 238 4.38 -11.95 -17.26
C ARG A 238 5.45 -12.79 -16.55
N ASP A 239 6.66 -12.75 -17.06
CA ASP A 239 7.73 -13.49 -16.40
C ASP A 239 7.90 -13.03 -14.94
N LEU A 240 7.83 -11.72 -14.70
CA LEU A 240 7.96 -11.22 -13.33
C LEU A 240 6.81 -11.69 -12.42
N VAL A 241 5.58 -11.60 -12.93
CA VAL A 241 4.40 -11.98 -12.18
C VAL A 241 4.46 -13.48 -11.84
N GLU A 242 4.92 -14.30 -12.79
CA GLU A 242 5.07 -15.73 -12.49
C GLU A 242 6.13 -15.99 -11.42
N LYS A 243 7.09 -15.10 -11.29
CA LYS A 243 8.10 -15.28 -10.28
C LYS A 243 7.66 -14.72 -8.92
N LEU A 244 6.53 -14.02 -8.88
CA LEU A 244 6.03 -13.51 -7.60
C LEU A 244 4.84 -14.32 -7.08
N LEU A 245 3.93 -14.69 -7.98
CA LEU A 245 2.78 -15.51 -7.58
C LEU A 245 3.19 -16.97 -7.53
N VAL A 246 3.90 -17.32 -6.47
CA VAL A 246 4.41 -18.65 -6.29
C VAL A 246 3.90 -19.11 -4.95
N LEU A 247 3.23 -20.27 -4.93
CA LEU A 247 2.64 -20.75 -3.68
C LEU A 247 3.69 -20.82 -2.55
N ASP A 248 4.85 -21.37 -2.86
CA ASP A 248 5.93 -21.46 -1.86
C ASP A 248 6.53 -20.07 -1.57
N ALA A 249 6.27 -19.55 -0.38
CA ALA A 249 6.64 -18.19 -0.03
C ALA A 249 8.16 -17.98 -0.06
N THR A 250 8.93 -19.07 0.03
CA THR A 250 10.38 -18.93 0.10
C THR A 250 10.99 -18.89 -1.27
N LYS A 251 10.14 -18.99 -2.30
CA LYS A 251 10.63 -18.97 -3.66
C LYS A 251 10.18 -17.76 -4.43
N ARG A 252 9.62 -16.76 -3.73
CA ARG A 252 9.22 -15.52 -4.41
C ARG A 252 10.41 -14.59 -4.62
N LEU A 253 10.55 -14.08 -5.84
CA LEU A 253 11.56 -13.10 -6.15
C LEU A 253 11.44 -11.87 -5.21
N GLY A 254 12.53 -11.54 -4.52
CA GLY A 254 12.52 -10.44 -3.54
C GLY A 254 12.66 -10.90 -2.10
N CYS A 255 12.31 -12.15 -1.81
CA CYS A 255 12.34 -12.64 -0.44
C CYS A 255 13.77 -12.99 -0.01
N GLU A 256 14.01 -13.11 1.29
CA GLU A 256 15.38 -13.35 1.79
C GLU A 256 15.98 -14.65 1.27
N GLU A 257 15.16 -15.68 1.17
CA GLU A 257 15.67 -16.94 0.70
C GLU A 257 16.01 -16.90 -0.79
N MET A 258 15.60 -15.84 -1.49
CA MET A 258 16.00 -15.68 -2.89
C MET A 258 17.03 -14.54 -2.98
N GLU A 259 17.59 -14.20 -1.82
CA GLU A 259 18.67 -13.21 -1.74
C GLU A 259 18.18 -11.78 -1.98
N GLY A 260 16.90 -11.53 -1.73
CA GLY A 260 16.46 -10.16 -1.49
C GLY A 260 16.18 -9.30 -2.71
N TYR A 261 16.32 -7.99 -2.55
CA TYR A 261 15.80 -7.04 -3.55
C TYR A 261 16.69 -6.88 -4.75
N GLY A 262 17.98 -7.19 -4.61
CA GLY A 262 18.88 -7.13 -5.75
C GLY A 262 18.40 -7.93 -6.96
N PRO A 263 18.16 -9.23 -6.79
CA PRO A 263 17.67 -9.97 -7.96
C PRO A 263 16.31 -9.48 -8.46
N LEU A 264 15.39 -9.09 -7.58
CA LEU A 264 14.11 -8.46 -8.02
C LEU A 264 14.34 -7.22 -8.91
N LYS A 265 15.18 -6.31 -8.43
CA LYS A 265 15.44 -5.07 -9.15
C LYS A 265 16.20 -5.33 -10.44
N ALA A 266 16.95 -6.44 -10.50
CA ALA A 266 17.65 -6.80 -11.73
C ALA A 266 16.78 -7.56 -12.74
N HIS A 267 15.53 -7.80 -12.42
CA HIS A 267 14.67 -8.48 -13.39
C HIS A 267 14.59 -7.70 -14.71
N PRO A 268 14.60 -8.42 -15.86
CA PRO A 268 14.60 -7.79 -17.18
C PRO A 268 13.44 -6.85 -17.42
N PHE A 269 12.30 -7.03 -16.75
CA PHE A 269 11.20 -6.08 -16.90
C PHE A 269 11.66 -4.67 -16.54
N PHE A 270 12.63 -4.57 -15.63
CA PHE A 270 13.09 -3.27 -15.11
C PHE A 270 14.38 -2.79 -15.76
N GLU A 271 14.69 -3.34 -16.93
CA GLU A 271 15.98 -3.08 -17.59
C GLU A 271 16.36 -1.59 -17.61
N SER A 272 15.46 -0.77 -18.13
CA SER A 272 15.72 0.68 -18.26
C SER A 272 15.46 1.53 -17.01
N VAL A 273 15.21 0.91 -15.86
CA VAL A 273 14.93 1.67 -14.65
C VAL A 273 16.20 2.20 -13.96
N THR A 274 16.19 3.48 -13.61
CA THR A 274 17.19 4.00 -12.65
C THR A 274 16.59 4.03 -11.25
N TRP A 275 17.07 3.11 -10.43
CA TRP A 275 16.50 2.87 -9.12
C TRP A 275 16.79 3.96 -8.10
N GLU A 276 17.95 4.61 -8.24
CA GLU A 276 18.49 5.49 -7.21
C GLU A 276 17.67 6.75 -6.91
N ASN A 277 16.96 7.29 -7.90
CA ASN A 277 16.28 8.56 -7.71
C ASN A 277 14.89 8.62 -8.36
N LEU A 278 14.10 7.56 -8.20
CA LEU A 278 12.79 7.53 -8.87
C LEU A 278 11.94 8.73 -8.50
N HIS A 279 11.99 9.14 -7.23
CA HIS A 279 11.17 10.23 -6.74
C HIS A 279 11.50 11.53 -7.48
N GLN A 280 12.68 11.60 -8.06
CA GLN A 280 13.16 12.80 -8.72
C GLN A 280 12.80 12.77 -10.20
N GLN A 281 12.42 11.58 -10.69
CA GLN A 281 12.08 11.42 -12.08
C GLN A 281 10.68 11.94 -12.37
N THR A 282 10.43 12.35 -13.61
CA THR A 282 9.08 12.75 -14.01
C THR A 282 8.25 11.55 -14.41
N PRO A 283 7.07 11.34 -13.78
CA PRO A 283 6.26 10.17 -14.12
C PRO A 283 5.65 10.23 -15.51
N PRO A 284 5.62 9.09 -16.20
CA PRO A 284 4.99 8.99 -17.53
C PRO A 284 3.54 9.41 -17.43
N LYS A 285 3.07 10.22 -18.37
CA LYS A 285 1.67 10.62 -18.35
C LYS A 285 0.79 9.38 -18.46
N LEU A 286 -0.29 9.34 -17.67
CA LEU A 286 -1.29 8.25 -17.71
C LEU A 286 -2.45 8.59 -18.65
#